data_3KIH
#
_entry.id   3KIH
#
_cell.length_a   125.566
_cell.length_b   56.418
_cell.length_c   86.306
_cell.angle_alpha   90.00
_cell.angle_beta   122.90
_cell.angle_gamma   90.00
#
_symmetry.space_group_name_H-M   'C 1 2 1'
#
loop_
_entity.id
_entity.type
_entity.pdbx_description
1 polymer '5-bladed beta-propeller lectin'
2 non-polymer 2-(acetylamido)-2-deoxy-D-glucono-1,5-lactone
3 water water
#
_entity_poly.entity_id   1
_entity_poly.type   'polypeptide(L)'
_entity_poly.pdbx_seq_one_letter_code
;MGGWSNFKFLFLSPGGELYGVLNDKIYKGTPPTHDNDNWLGRAKKIGDGGWNQFQFLFFDPNGYLYAVSKDKLYKAPPPQ
SDTDNWIARATEIGSGG
;
_entity_poly.pdbx_strand_id   A,B,C,D,E
#
# COMPACT_ATOMS: atom_id res chain seq x y z
N GLY A 3 -7.72 9.54 17.69
CA GLY A 3 -8.87 10.22 17.02
C GLY A 3 -9.89 9.18 16.63
N TRP A 4 -9.76 8.62 15.43
CA TRP A 4 -10.49 7.40 15.09
C TRP A 4 -10.22 6.22 16.04
N SER A 5 -9.07 6.21 16.72
CA SER A 5 -8.75 5.14 17.66
C SER A 5 -9.50 5.19 18.99
N ASN A 6 -10.19 6.29 19.29
CA ASN A 6 -11.00 6.34 20.52
C ASN A 6 -12.25 5.47 20.43
N PHE A 7 -12.67 5.15 19.19
CA PHE A 7 -13.77 4.18 18.95
C PHE A 7 -13.49 2.79 19.52
N LYS A 8 -14.54 2.13 20.01
CA LYS A 8 -14.45 0.74 20.40
C LYS A 8 -14.90 -0.17 19.25
N PHE A 9 -15.97 0.24 18.56
CA PHE A 9 -16.41 -0.46 17.36
C PHE A 9 -16.57 0.54 16.25
N LEU A 10 -16.34 0.08 15.03
CA LEU A 10 -16.45 0.95 13.87
C LEU A 10 -16.57 0.04 12.67
N PHE A 11 -17.76 0.01 12.12
CA PHE A 11 -18.11 -1.03 11.17
C PHE A 11 -19.19 -0.51 10.23
N LEU A 12 -19.36 -1.18 9.10
CA LEU A 12 -20.24 -0.70 8.05
C LEU A 12 -21.52 -1.51 8.02
N SER A 13 -22.65 -0.85 7.81
CA SER A 13 -23.88 -1.57 7.55
C SER A 13 -23.98 -1.81 6.03
N PRO A 14 -24.83 -2.76 5.60
CA PRO A 14 -24.98 -3.01 4.15
C PRO A 14 -25.71 -1.89 3.41
N GLY A 15 -26.50 -1.10 4.13
CA GLY A 15 -27.08 0.11 3.55
C GLY A 15 -26.06 1.19 3.27
N GLY A 16 -24.79 0.89 3.56
CA GLY A 16 -23.67 1.80 3.30
C GLY A 16 -23.26 2.73 4.44
N GLU A 17 -23.90 2.61 5.60
CA GLU A 17 -23.67 3.50 6.74
C GLU A 17 -22.67 2.97 7.74
N LEU A 18 -21.69 3.83 8.09
CA LEU A 18 -20.69 3.53 9.10
C LEU A 18 -21.30 3.75 10.48
N TYR A 19 -21.02 2.83 11.39
CA TYR A 19 -21.50 2.88 12.77
C TYR A 19 -20.29 2.89 13.68
N GLY A 20 -20.27 3.74 14.70
CA GLY A 20 -19.09 3.84 15.55
C GLY A 20 -19.44 3.97 17.02
N VAL A 21 -18.97 3.02 17.83
CA VAL A 21 -19.16 3.12 19.28
C VAL A 21 -18.06 3.98 19.87
N LEU A 22 -18.42 5.06 20.54
CA LEU A 22 -17.43 5.94 21.15
C LEU A 22 -17.88 6.28 22.54
N ASN A 23 -16.99 6.07 23.52
CA ASN A 23 -17.26 6.47 24.92
C ASN A 23 -18.69 6.12 25.33
N ASP A 24 -19.07 4.86 25.11
CA ASP A 24 -20.36 4.32 25.57
C ASP A 24 -21.61 4.69 24.71
N LYS A 25 -21.45 5.55 23.72
CA LYS A 25 -22.55 5.93 22.84
C LYS A 25 -22.30 5.41 21.42
N ILE A 26 -23.36 5.24 20.64
CA ILE A 26 -23.24 4.77 19.26
C ILE A 26 -23.70 5.82 18.26
N TYR A 27 -23.01 5.89 17.13
CA TYR A 27 -23.27 6.89 16.10
C TYR A 27 -23.33 6.24 14.74
N LYS A 28 -23.98 6.91 13.79
CA LYS A 28 -24.04 6.40 12.43
C LYS A 28 -24.07 7.56 11.49
N GLY A 29 -23.66 7.32 10.27
CA GLY A 29 -23.62 8.35 9.25
C GLY A 29 -22.87 7.73 8.10
N THR A 30 -22.99 8.33 6.93
CA THR A 30 -22.34 7.77 5.75
C THR A 30 -20.81 7.87 5.85
N PRO A 31 -20.08 6.91 5.26
CA PRO A 31 -18.63 6.91 5.45
C PRO A 31 -18.03 8.22 4.95
N PRO A 32 -16.96 8.72 5.63
CA PRO A 32 -16.25 9.91 5.12
C PRO A 32 -15.40 9.63 3.88
N THR A 33 -15.18 10.67 3.06
CA THR A 33 -14.43 10.50 1.79
C THR A 33 -13.29 11.51 1.51
N HIS A 34 -13.15 12.55 2.33
CA HIS A 34 -12.16 13.60 2.04
C HIS A 34 -11.55 14.22 3.29
N ASP A 37 -13.57 16.79 5.94
CA ASP A 37 -14.82 16.09 6.29
C ASP A 37 -14.78 15.51 7.70
N ASN A 38 -15.54 16.12 8.60
CA ASN A 38 -15.62 15.73 9.99
C ASN A 38 -16.83 14.82 10.22
N TRP A 39 -16.58 13.51 10.19
CA TRP A 39 -17.60 12.48 10.42
C TRP A 39 -18.39 12.64 11.71
N LEU A 40 -17.71 12.62 12.85
CA LEU A 40 -18.38 12.66 14.16
C LEU A 40 -19.27 13.88 14.30
N GLY A 41 -18.92 14.96 13.60
CA GLY A 41 -19.63 16.25 13.67
C GLY A 41 -20.99 16.23 12.98
N ARG A 42 -21.07 15.55 11.83
CA ARG A 42 -22.32 15.39 11.07
C ARG A 42 -22.97 14.02 11.27
N ALA A 43 -22.64 13.33 12.35
CA ALA A 43 -23.10 11.97 12.57
C ALA A 43 -24.33 11.90 13.47
N LYS A 44 -25.27 11.04 13.13
CA LYS A 44 -26.41 10.84 13.99
C LYS A 44 -26.07 9.97 15.20
N LYS A 45 -26.15 10.55 16.40
CA LYS A 45 -26.11 9.77 17.61
C LYS A 45 -27.41 8.98 17.70
N ILE A 46 -27.30 7.67 17.85
CA ILE A 46 -28.50 6.82 17.88
C ILE A 46 -28.59 5.92 19.11
N GLY A 47 -27.72 6.18 20.09
CA GLY A 47 -27.68 5.48 21.38
C GLY A 47 -26.89 6.33 22.36
N ASP A 48 -27.23 6.28 23.66
CA ASP A 48 -26.79 7.28 24.65
C ASP A 48 -26.07 6.69 25.86
N GLY A 49 -25.59 5.46 25.74
CA GLY A 49 -24.99 4.74 26.84
C GLY A 49 -25.27 3.25 26.73
N GLY A 50 -24.46 2.46 27.44
CA GLY A 50 -24.54 1.00 27.42
C GLY A 50 -23.78 0.33 26.28
N TRP A 51 -23.15 1.10 25.40
CA TRP A 51 -22.59 0.50 24.19
C TRP A 51 -21.15 -0.03 24.33
N ASN A 52 -20.47 0.28 25.43
CA ASN A 52 -19.16 -0.33 25.73
C ASN A 52 -19.27 -1.77 26.21
N GLN A 53 -20.43 -2.14 26.74
CA GLN A 53 -20.60 -3.47 27.30
C GLN A 53 -20.38 -4.62 26.31
N PHE A 54 -20.45 -4.32 25.00
CA PHE A 54 -20.38 -5.39 23.98
C PHE A 54 -18.97 -5.87 23.64
N GLN A 55 -18.81 -7.19 23.51
CA GLN A 55 -17.58 -7.79 22.97
C GLN A 55 -17.61 -7.83 21.43
N PHE A 56 -18.76 -8.14 20.82
CA PHE A 56 -18.89 -8.07 19.35
C PHE A 56 -20.12 -7.27 18.91
N LEU A 57 -20.02 -6.71 17.69
CA LEU A 57 -21.12 -5.96 17.10
C LEU A 57 -21.06 -6.08 15.57
N PHE A 58 -22.07 -6.70 14.95
CA PHE A 58 -22.03 -6.87 13.47
C PHE A 58 -23.35 -7.01 12.74
N PHE A 59 -23.39 -6.50 11.50
CA PHE A 59 -24.55 -6.60 10.62
C PHE A 59 -24.49 -7.87 9.76
N ASP A 60 -25.65 -8.47 9.49
CA ASP A 60 -25.71 -9.52 8.48
C ASP A 60 -26.14 -8.83 7.21
N PRO A 61 -26.15 -9.54 6.05
CA PRO A 61 -26.54 -8.75 4.86
C PRO A 61 -28.01 -8.34 4.84
N ASN A 62 -28.88 -9.02 5.60
CA ASN A 62 -30.29 -8.65 5.65
C ASN A 62 -30.59 -7.38 6.46
N GLY A 63 -29.56 -6.81 7.09
CA GLY A 63 -29.74 -5.63 7.92
C GLY A 63 -30.10 -5.93 9.38
N TYR A 64 -29.82 -7.14 9.83
CA TYR A 64 -29.94 -7.53 11.25
C TYR A 64 -28.66 -7.23 11.99
N LEU A 65 -28.76 -6.70 13.20
CA LEU A 65 -27.60 -6.43 14.04
C LEU A 65 -27.34 -7.50 15.08
N TYR A 66 -26.11 -8.00 15.11
CA TYR A 66 -25.67 -9.01 16.08
C TYR A 66 -24.79 -8.38 17.17
N ALA A 67 -24.94 -8.87 18.40
CA ALA A 67 -24.29 -8.26 19.56
C ALA A 67 -24.07 -9.31 20.61
N VAL A 68 -22.90 -9.27 21.21
CA VAL A 68 -22.57 -10.18 22.28
C VAL A 68 -22.27 -9.34 23.48
N SER A 69 -22.86 -9.72 24.61
CA SER A 69 -22.65 -9.09 25.93
C SER A 69 -22.88 -10.14 27.01
N LYS A 70 -22.03 -10.10 28.04
CA LYS A 70 -22.07 -11.03 29.18
C LYS A 70 -22.45 -12.46 28.83
N ASP A 71 -21.70 -13.09 27.93
CA ASP A 71 -21.97 -14.45 27.47
C ASP A 71 -23.34 -14.68 26.81
N LYS A 72 -23.94 -13.62 26.30
CA LYS A 72 -25.19 -13.73 25.56
C LYS A 72 -25.17 -13.07 24.19
N LEU A 73 -25.83 -13.72 23.24
CA LEU A 73 -25.88 -13.27 21.86
C LEU A 73 -27.28 -12.74 21.49
N TYR A 74 -27.30 -11.55 20.89
CA TYR A 74 -28.56 -10.85 20.56
C TYR A 74 -28.67 -10.51 19.07
N LYS A 75 -29.90 -10.44 18.58
CA LYS A 75 -30.16 -10.16 17.18
C LYS A 75 -31.44 -9.35 17.02
N ALA A 76 -31.40 -8.30 16.20
CA ALA A 76 -32.56 -7.43 15.94
C ALA A 76 -32.16 -6.34 14.94
N PRO A 77 -33.16 -5.61 14.37
CA PRO A 77 -32.81 -4.40 13.62
C PRO A 77 -32.12 -3.37 14.50
N PRO A 78 -31.12 -2.66 13.93
CA PRO A 78 -30.24 -1.76 14.65
C PRO A 78 -30.98 -0.74 15.53
N PRO A 79 -30.30 -0.15 16.53
CA PRO A 79 -30.93 0.91 17.33
C PRO A 79 -31.39 2.00 16.39
N GLN A 80 -32.66 2.35 16.48
CA GLN A 80 -33.27 3.29 15.53
C GLN A 80 -32.94 4.74 15.85
N SER A 81 -32.87 5.06 17.15
CA SER A 81 -32.64 6.43 17.64
C SER A 81 -32.22 6.35 19.08
N ASP A 82 -31.73 7.47 19.63
CA ASP A 82 -31.28 7.49 21.02
C ASP A 82 -32.40 7.24 22.05
N THR A 83 -33.65 7.21 21.61
CA THR A 83 -34.74 6.84 22.52
C THR A 83 -34.99 5.33 22.51
N ASP A 84 -34.34 4.62 21.57
CA ASP A 84 -34.57 3.17 21.39
C ASP A 84 -33.70 2.32 22.31
N ASN A 85 -34.36 1.67 23.28
CA ASN A 85 -33.69 0.83 24.27
C ASN A 85 -33.37 -0.54 23.67
N TRP A 86 -32.38 -0.54 22.79
CA TRP A 86 -32.06 -1.70 21.97
C TRP A 86 -31.93 -3.00 22.76
N ILE A 87 -30.98 -3.06 23.68
CA ILE A 87 -30.76 -4.29 24.48
C ILE A 87 -32.00 -4.82 25.18
N ALA A 88 -32.89 -3.93 25.64
CA ALA A 88 -34.18 -4.30 26.25
C ALA A 88 -35.10 -5.11 25.32
N ARG A 89 -35.01 -4.84 24.02
CA ARG A 89 -35.90 -5.45 23.06
C ARG A 89 -35.26 -6.39 22.03
N ALA A 90 -33.93 -6.45 22.00
CA ALA A 90 -33.22 -7.37 21.10
C ALA A 90 -33.41 -8.85 21.47
N THR A 91 -33.43 -9.75 20.47
CA THR A 91 -33.76 -11.17 20.73
C THR A 91 -32.54 -11.99 21.19
N GLU A 92 -32.61 -12.54 22.40
CA GLU A 92 -31.57 -13.45 22.88
C GLU A 92 -31.63 -14.75 22.10
N ILE A 93 -30.54 -15.06 21.40
CA ILE A 93 -30.44 -16.31 20.67
C ILE A 93 -29.34 -17.25 21.20
N GLY A 94 -28.60 -16.81 22.23
CA GLY A 94 -27.53 -17.59 22.86
C GLY A 94 -27.76 -19.09 22.99
N GLY B 3 -21.20 -18.68 26.41
CA GLY B 3 -19.72 -18.57 26.48
C GLY B 3 -19.26 -17.70 25.34
N TRP B 4 -20.20 -16.90 24.81
CA TRP B 4 -19.93 -15.99 23.70
C TRP B 4 -18.93 -14.88 24.02
N SER B 5 -18.78 -14.50 25.29
CA SER B 5 -17.82 -13.47 25.63
C SER B 5 -16.39 -14.04 25.61
N ASN B 6 -16.28 -15.35 25.68
CA ASN B 6 -15.00 -16.03 25.56
C ASN B 6 -14.50 -16.23 24.12
N PHE B 7 -15.26 -15.78 23.11
CA PHE B 7 -14.78 -15.95 21.75
C PHE B 7 -13.81 -14.84 21.41
N LYS B 8 -12.80 -15.11 20.59
CA LYS B 8 -11.93 -14.03 20.13
C LYS B 8 -12.48 -13.34 18.88
N PHE B 9 -12.99 -14.16 17.96
CA PHE B 9 -13.69 -13.64 16.79
C PHE B 9 -15.09 -14.22 16.70
N LEU B 10 -16.04 -13.42 16.20
CA LEU B 10 -17.38 -13.92 15.88
C LEU B 10 -17.92 -13.10 14.71
N PHE B 11 -17.98 -13.73 13.54
CA PHE B 11 -18.25 -13.00 12.29
C PHE B 11 -18.94 -13.93 11.30
N LEU B 12 -19.37 -13.37 10.15
CA LEU B 12 -20.29 -14.06 9.23
C LEU B 12 -19.76 -14.25 7.81
N SER B 13 -19.92 -15.43 7.22
CA SER B 13 -19.59 -15.61 5.79
C SER B 13 -20.77 -15.11 4.97
N PRO B 14 -20.57 -14.85 3.66
CA PRO B 14 -21.69 -14.44 2.81
C PRO B 14 -22.54 -15.62 2.33
N GLY B 15 -22.19 -16.82 2.78
CA GLY B 15 -23.04 -17.98 2.55
C GLY B 15 -23.89 -18.23 3.76
N GLY B 16 -24.06 -17.21 4.62
CA GLY B 16 -24.87 -17.31 5.85
C GLY B 16 -24.35 -18.08 7.07
N GLU B 17 -23.16 -18.68 6.98
CA GLU B 17 -22.60 -19.41 8.12
C GLU B 17 -22.00 -18.43 9.12
N LEU B 18 -22.18 -18.70 10.41
CA LEU B 18 -21.50 -17.94 11.43
C LEU B 18 -20.17 -18.62 11.74
N TYR B 19 -19.09 -17.84 11.72
CA TYR B 19 -17.77 -18.32 12.12
C TYR B 19 -17.42 -17.79 13.49
N GLY B 20 -16.68 -18.60 14.25
CA GLY B 20 -16.27 -18.25 15.62
C GLY B 20 -14.96 -18.91 16.05
N VAL B 21 -14.08 -18.12 16.66
CA VAL B 21 -12.77 -18.58 17.12
C VAL B 21 -12.78 -18.67 18.65
N LEU B 22 -12.64 -19.88 19.16
CA LEU B 22 -12.74 -20.15 20.59
C LEU B 22 -11.63 -21.09 21.02
N ASN B 23 -10.81 -20.59 21.94
CA ASN B 23 -9.69 -21.31 22.55
C ASN B 23 -8.77 -21.99 21.54
N ASP B 24 -8.40 -21.19 20.56
CA ASP B 24 -7.43 -21.54 19.54
C ASP B 24 -8.01 -22.44 18.45
N LYS B 25 -9.23 -22.94 18.67
CA LYS B 25 -9.99 -23.62 17.60
C LYS B 25 -10.98 -22.67 16.89
N ILE B 26 -11.33 -23.02 15.65
CA ILE B 26 -12.34 -22.28 14.88
C ILE B 26 -13.53 -23.16 14.44
N TYR B 27 -14.74 -22.64 14.62
CA TYR B 27 -15.97 -23.36 14.33
C TYR B 27 -16.86 -22.60 13.35
N LYS B 28 -17.78 -23.33 12.73
CA LYS B 28 -18.77 -22.73 11.84
C LYS B 28 -20.11 -23.49 11.85
N GLY B 29 -21.17 -22.79 11.46
CA GLY B 29 -22.54 -23.30 11.50
C GLY B 29 -23.50 -22.14 11.25
N THR B 30 -24.69 -22.46 10.79
CA THR B 30 -25.69 -21.41 10.57
C THR B 30 -25.97 -20.79 11.93
N PRO B 31 -26.31 -19.48 11.97
CA PRO B 31 -26.55 -18.78 13.26
C PRO B 31 -27.71 -19.40 14.06
N PRO B 32 -27.68 -19.29 15.39
CA PRO B 32 -28.82 -19.80 16.12
C PRO B 32 -30.02 -18.91 15.87
N THR B 33 -31.20 -19.50 15.90
CA THR B 33 -32.46 -18.78 15.68
C THR B 33 -33.23 -18.51 16.97
N HIS B 34 -33.19 -19.47 17.88
CA HIS B 34 -33.85 -19.33 19.17
C HIS B 34 -32.82 -19.32 20.29
N ASP B 35 -33.28 -18.94 21.49
CA ASP B 35 -32.47 -18.81 22.69
C ASP B 35 -31.95 -20.15 23.20
N ASN B 36 -32.70 -21.22 22.93
CA ASN B 36 -32.36 -22.52 23.49
C ASN B 36 -31.46 -23.36 22.58
N ASP B 37 -31.29 -22.93 21.33
CA ASP B 37 -30.33 -23.51 20.40
C ASP B 37 -28.92 -23.57 21.02
N ASN B 38 -28.27 -24.74 20.91
CA ASN B 38 -26.89 -24.92 21.39
C ASN B 38 -25.88 -24.95 20.22
N TRP B 39 -25.42 -23.75 19.87
CA TRP B 39 -24.60 -23.51 18.68
C TRP B 39 -23.26 -24.26 18.65
N LEU B 40 -22.53 -24.22 19.76
CA LEU B 40 -21.26 -24.92 19.80
C LEU B 40 -21.47 -26.38 19.50
N GLY B 41 -22.54 -26.94 20.08
CA GLY B 41 -22.86 -28.36 19.93
C GLY B 41 -23.30 -28.82 18.56
N ARG B 42 -23.71 -27.91 17.68
CA ARG B 42 -23.97 -28.29 16.29
C ARG B 42 -23.01 -27.65 15.27
N ALA B 43 -22.08 -26.82 15.76
CA ALA B 43 -21.07 -26.21 14.91
C ALA B 43 -20.04 -27.21 14.39
N LYS B 44 -19.56 -27.01 13.17
CA LYS B 44 -18.45 -27.80 12.68
C LYS B 44 -17.12 -27.17 13.07
N LYS B 45 -16.26 -27.96 13.73
CA LYS B 45 -14.88 -27.59 13.96
C LYS B 45 -14.08 -27.76 12.67
N ILE B 46 -13.58 -26.65 12.15
CA ILE B 46 -12.84 -26.65 10.92
C ILE B 46 -11.39 -26.20 11.09
N GLY B 47 -10.90 -26.20 12.32
CA GLY B 47 -9.51 -25.79 12.59
C GLY B 47 -9.22 -26.04 14.05
N ASP B 48 -8.12 -26.75 14.34
CA ASP B 48 -7.97 -27.27 15.71
C ASP B 48 -6.94 -26.57 16.56
N GLY B 49 -6.05 -25.81 15.92
CA GLY B 49 -5.04 -25.02 16.65
C GLY B 49 -4.46 -23.82 15.92
N GLY B 50 -4.24 -22.73 16.64
CA GLY B 50 -3.48 -21.61 16.09
C GLY B 50 -4.30 -20.41 15.67
N TRP B 51 -5.60 -20.44 15.94
CA TRP B 51 -6.49 -19.40 15.43
C TRP B 51 -6.45 -18.16 16.29
N ASN B 52 -5.99 -18.29 17.52
CA ASN B 52 -5.91 -17.11 18.40
C ASN B 52 -4.83 -16.08 18.06
N GLN B 53 -3.80 -16.53 17.37
CA GLN B 53 -2.72 -15.62 16.92
C GLN B 53 -3.25 -14.41 16.14
N PHE B 54 -4.39 -14.56 15.46
CA PHE B 54 -4.92 -13.54 14.53
C PHE B 54 -5.44 -12.28 15.20
N GLN B 55 -5.33 -11.17 14.49
CA GLN B 55 -5.84 -9.93 15.03
C GLN B 55 -7.08 -9.44 14.30
N PHE B 56 -7.15 -9.69 12.99
CA PHE B 56 -8.38 -9.50 12.23
C PHE B 56 -8.62 -10.76 11.44
N LEU B 57 -9.90 -11.07 11.25
CA LEU B 57 -10.28 -12.23 10.48
C LEU B 57 -11.67 -11.95 9.97
N PHE B 58 -11.82 -11.78 8.65
CA PHE B 58 -13.13 -11.46 8.02
C PHE B 58 -13.24 -11.99 6.60
N PHE B 59 -14.49 -12.09 6.12
CA PHE B 59 -14.78 -12.48 4.74
C PHE B 59 -15.05 -11.28 3.82
N ASP B 60 -14.77 -11.44 2.53
CA ASP B 60 -15.32 -10.54 1.53
C ASP B 60 -16.60 -11.19 0.94
N PRO B 61 -17.40 -10.46 0.12
CA PRO B 61 -18.65 -11.12 -0.31
C PRO B 61 -18.44 -12.26 -1.30
N ASN B 62 -17.22 -12.37 -1.84
CA ASN B 62 -16.85 -13.39 -2.81
C ASN B 62 -16.35 -14.74 -2.23
N GLY B 63 -16.49 -14.97 -0.94
CA GLY B 63 -16.05 -16.22 -0.36
C GLY B 63 -14.66 -16.25 0.27
N TYR B 64 -13.81 -15.26 -0.06
CA TYR B 64 -12.44 -15.17 0.48
C TYR B 64 -12.39 -14.83 1.97
N LEU B 65 -11.45 -15.46 2.68
CA LEU B 65 -11.21 -15.21 4.10
C LEU B 65 -9.91 -14.44 4.28
N TYR B 66 -10.02 -13.20 4.76
CA TYR B 66 -8.85 -12.38 5.08
C TYR B 66 -8.45 -12.66 6.52
N ALA B 67 -7.17 -12.48 6.81
CA ALA B 67 -6.66 -12.75 8.13
C ALA B 67 -5.36 -12.02 8.32
N VAL B 68 -5.23 -11.41 9.49
CA VAL B 68 -4.03 -10.67 9.87
C VAL B 68 -3.32 -11.36 11.03
N SER B 69 -2.10 -11.77 10.75
CA SER B 69 -1.23 -12.35 11.76
C SER B 69 0.03 -11.49 11.82
N LYS B 70 0.12 -10.68 12.88
CA LYS B 70 1.19 -9.72 13.05
C LYS B 70 1.41 -8.82 11.82
N ASP B 71 2.54 -8.95 11.12
CA ASP B 71 2.79 -8.03 10.01
C ASP B 71 1.96 -8.35 8.78
N LYS B 72 1.41 -9.55 8.75
CA LYS B 72 1.02 -10.17 7.51
C LYS B 72 -0.49 -10.31 7.26
N LEU B 73 -0.88 -10.10 6.01
CA LEU B 73 -2.26 -10.24 5.59
C LEU B 73 -2.37 -11.45 4.65
N TYR B 74 -3.25 -12.38 5.01
CA TYR B 74 -3.58 -13.51 4.15
C TYR B 74 -4.96 -13.37 3.55
N LYS B 75 -5.12 -13.88 2.31
CA LYS B 75 -6.39 -14.03 1.64
C LYS B 75 -6.48 -15.45 1.03
N ALA B 76 -7.53 -16.20 1.38
CA ALA B 76 -7.74 -17.53 0.79
C ALA B 76 -9.17 -18.02 1.04
N PRO B 77 -9.60 -19.07 0.32
CA PRO B 77 -10.86 -19.69 0.72
C PRO B 77 -10.77 -20.25 2.14
N PRO B 78 -11.91 -20.27 2.87
CA PRO B 78 -11.86 -20.60 4.30
C PRO B 78 -11.35 -22.01 4.54
N PRO B 79 -10.95 -22.34 5.78
CA PRO B 79 -10.57 -23.72 6.04
C PRO B 79 -11.75 -24.67 5.84
N GLN B 80 -11.50 -25.86 5.30
CA GLN B 80 -12.57 -26.83 5.02
C GLN B 80 -12.72 -27.96 6.04
N SER B 81 -11.66 -28.24 6.80
CA SER B 81 -11.70 -29.21 7.90
C SER B 81 -10.57 -29.03 8.91
N ASP B 82 -10.75 -29.67 10.08
CA ASP B 82 -9.68 -30.11 11.00
C ASP B 82 -8.25 -30.27 10.46
N THR B 83 -8.12 -30.72 9.22
CA THR B 83 -6.86 -31.25 8.70
C THR B 83 -6.41 -30.37 7.58
N ASP B 84 -7.18 -29.32 7.33
CA ASP B 84 -6.82 -28.35 6.31
C ASP B 84 -5.95 -27.32 7.03
N ASN B 85 -4.64 -27.39 6.79
CA ASN B 85 -3.68 -26.44 7.40
C ASN B 85 -3.72 -25.07 6.72
N TRP B 86 -4.71 -24.28 7.11
CA TRP B 86 -5.07 -23.06 6.41
C TRP B 86 -3.90 -22.11 6.30
N ILE B 87 -3.24 -21.85 7.43
CA ILE B 87 -2.11 -20.90 7.44
C ILE B 87 -0.97 -21.31 6.48
N ALA B 88 -0.78 -22.62 6.30
CA ALA B 88 0.29 -23.14 5.43
C ALA B 88 -0.02 -22.93 3.95
N ARG B 89 -1.29 -22.99 3.56
CA ARG B 89 -1.63 -22.76 2.15
C ARG B 89 -2.23 -21.36 1.80
N ALA B 90 -2.53 -20.54 2.81
CA ALA B 90 -3.14 -19.22 2.54
C ALA B 90 -2.21 -18.28 1.76
N THR B 91 -2.74 -17.58 0.77
CA THR B 91 -1.89 -16.71 -0.02
C THR B 91 -1.54 -15.47 0.76
N GLU B 92 -0.25 -15.28 0.98
CA GLU B 92 0.23 -14.05 1.57
C GLU B 92 0.09 -12.94 0.53
N ILE B 93 -0.63 -11.89 0.91
CA ILE B 93 -0.82 -10.72 0.04
C ILE B 93 -0.36 -9.51 0.83
N GLY B 94 0.11 -9.79 2.04
CA GLY B 94 0.29 -8.79 3.10
C GLY B 94 1.41 -7.79 2.93
N SER B 95 2.48 -8.00 3.68
CA SER B 95 3.68 -7.22 3.50
C SER B 95 4.40 -7.73 2.23
N GLY B 96 5.64 -7.30 2.00
CA GLY B 96 6.37 -7.70 0.79
C GLY B 96 7.18 -8.97 0.96
N GLY B 97 6.51 -10.07 1.32
CA GLY B 97 7.17 -11.30 1.73
C GLY B 97 7.83 -12.06 0.60
N GLY C 3 3.28 -3.13 9.00
CA GLY C 3 2.61 -4.14 9.84
C GLY C 3 1.10 -3.97 9.89
N TRP C 4 0.38 -4.82 9.14
CA TRP C 4 -1.09 -4.82 9.17
C TRP C 4 -1.76 -4.86 10.57
N SER C 5 -1.05 -5.38 11.57
CA SER C 5 -1.45 -5.33 13.00
C SER C 5 -1.49 -3.94 13.63
N ASN C 6 -0.72 -2.98 13.12
CA ASN C 6 -0.72 -1.64 13.72
C ASN C 6 -2.09 -0.97 13.70
N PHE C 7 -2.94 -1.37 12.75
CA PHE C 7 -4.29 -0.85 12.65
C PHE C 7 -5.09 -1.37 13.81
N LYS C 8 -5.99 -0.52 14.32
CA LYS C 8 -6.94 -0.93 15.34
C LYS C 8 -8.22 -1.52 14.68
N PHE C 9 -8.49 -1.10 13.45
CA PHE C 9 -9.67 -1.53 12.73
C PHE C 9 -9.26 -1.81 11.30
N LEU C 10 -9.73 -2.94 10.78
CA LEU C 10 -9.46 -3.29 9.38
C LEU C 10 -10.66 -4.04 8.77
N PHE C 11 -11.33 -3.41 7.82
CA PHE C 11 -12.60 -3.95 7.27
C PHE C 11 -12.92 -3.45 5.87
N LEU C 12 -13.85 -4.13 5.23
CA LEU C 12 -14.24 -3.87 3.84
C LEU C 12 -15.56 -3.10 3.70
N SER C 13 -15.71 -2.38 2.59
CA SER C 13 -16.98 -1.74 2.22
C SER C 13 -17.76 -2.63 1.22
N PRO C 14 -19.11 -2.69 1.35
CA PRO C 14 -19.89 -3.27 0.24
C PRO C 14 -19.37 -2.89 -1.14
N GLY C 15 -18.87 -1.66 -1.29
CA GLY C 15 -18.29 -1.20 -2.56
C GLY C 15 -16.94 -1.81 -2.95
N GLY C 16 -16.37 -2.68 -2.11
CA GLY C 16 -15.10 -3.37 -2.39
C GLY C 16 -13.83 -2.66 -1.93
N GLU C 17 -13.97 -1.61 -1.15
CA GLU C 17 -12.84 -0.81 -0.68
C GLU C 17 -12.34 -1.27 0.68
N LEU C 18 -11.03 -1.18 0.93
CA LEU C 18 -10.48 -1.52 2.24
C LEU C 18 -10.29 -0.29 3.14
N TYR C 19 -10.88 -0.35 4.33
CA TYR C 19 -10.78 0.71 5.33
C TYR C 19 -9.87 0.24 6.45
N GLY C 20 -8.92 1.08 6.81
CA GLY C 20 -8.03 0.86 7.94
C GLY C 20 -7.89 2.10 8.79
N VAL C 21 -8.09 1.91 10.09
CA VAL C 21 -7.84 2.94 11.08
C VAL C 21 -6.47 2.70 11.70
N LEU C 22 -5.62 3.72 11.63
CA LEU C 22 -4.26 3.63 12.15
C LEU C 22 -3.90 4.86 12.98
N ASN C 23 -3.62 4.61 14.27
CA ASN C 23 -3.55 5.67 15.29
C ASN C 23 -4.85 6.50 15.27
N ASP C 24 -4.75 7.75 14.87
CA ASP C 24 -5.92 8.61 14.95
C ASP C 24 -6.59 8.84 13.59
N LYS C 25 -5.96 8.35 12.52
CA LYS C 25 -6.45 8.60 11.17
C LYS C 25 -7.18 7.36 10.64
N ILE C 26 -7.93 7.57 9.54
CA ILE C 26 -8.55 6.47 8.79
C ILE C 26 -8.17 6.52 7.32
N TYR C 27 -7.90 5.35 6.75
CA TYR C 27 -7.43 5.22 5.37
C TYR C 27 -8.40 4.40 4.54
N LYS C 28 -8.57 4.79 3.28
CA LYS C 28 -9.50 4.15 2.37
C LYS C 28 -8.71 3.84 1.10
N GLY C 29 -8.65 2.57 0.72
CA GLY C 29 -7.85 2.19 -0.44
C GLY C 29 -8.25 0.86 -1.01
N THR C 30 -7.58 0.48 -2.09
CA THR C 30 -7.86 -0.77 -2.78
C THR C 30 -7.30 -1.96 -1.97
N PRO C 31 -8.12 -2.99 -1.74
CA PRO C 31 -7.53 -4.13 -1.06
C PRO C 31 -6.32 -4.62 -1.87
N PRO C 32 -5.26 -5.07 -1.18
CA PRO C 32 -4.11 -5.73 -1.81
C PRO C 32 -4.52 -7.02 -2.51
N THR C 33 -3.66 -7.51 -3.40
CA THR C 33 -3.96 -8.61 -4.31
C THR C 33 -2.86 -9.68 -4.36
N HIS C 34 -3.28 -10.95 -4.53
CA HIS C 34 -2.42 -12.04 -5.02
C HIS C 34 -1.58 -11.49 -6.18
N ASP C 37 2.54 -12.60 -9.44
CA ASP C 37 2.89 -13.59 -10.47
C ASP C 37 3.06 -12.95 -11.86
N ASN C 38 2.23 -11.94 -12.13
CA ASN C 38 2.04 -11.40 -13.47
C ASN C 38 1.74 -9.90 -13.40
N TRP C 39 2.77 -9.12 -13.04
CA TRP C 39 2.63 -7.69 -12.68
C TRP C 39 1.82 -6.75 -13.63
N LEU C 40 2.10 -6.62 -14.93
CA LEU C 40 3.33 -6.90 -15.66
C LEU C 40 3.09 -6.27 -17.05
N GLY C 41 1.84 -5.93 -17.40
CA GLY C 41 0.61 -6.06 -16.61
C GLY C 41 -0.01 -7.43 -16.83
N ARG C 42 -1.28 -7.65 -16.48
CA ARG C 42 -2.20 -6.65 -15.96
C ARG C 42 -2.07 -6.51 -14.43
N ALA C 43 -2.15 -5.31 -13.84
CA ALA C 43 -2.58 -4.04 -14.42
C ALA C 43 -1.37 -3.10 -14.72
N LYS C 44 -1.53 -1.84 -15.18
CA LYS C 44 -2.69 -1.11 -15.72
C LYS C 44 -2.18 -0.08 -16.76
N LYS C 45 -2.76 -0.07 -17.96
CA LYS C 45 -2.15 0.61 -19.09
C LYS C 45 -2.48 2.11 -19.16
N ILE C 46 -1.46 2.92 -18.90
CA ILE C 46 -1.63 4.34 -18.62
C ILE C 46 -1.32 5.26 -19.84
N GLY C 47 -0.63 4.71 -20.82
CA GLY C 47 -0.41 5.35 -22.12
C GLY C 47 -0.15 4.26 -23.14
N ASP C 48 -0.57 4.47 -24.39
CA ASP C 48 -0.34 3.51 -25.47
C ASP C 48 0.34 4.17 -26.65
N GLY C 49 1.62 3.89 -26.87
CA GLY C 49 2.33 4.44 -28.02
C GLY C 49 3.13 5.69 -27.68
N GLY C 50 4.28 5.84 -28.34
CA GLY C 50 5.13 7.02 -28.22
C GLY C 50 6.10 7.04 -27.05
N TRP C 51 6.05 6.00 -26.22
CA TRP C 51 6.87 6.01 -25.02
C TRP C 51 8.34 5.64 -25.17
N ASN C 52 8.76 4.85 -26.16
CA ASN C 52 10.24 4.67 -26.28
C ASN C 52 11.02 5.80 -26.94
N GLN C 53 10.35 6.87 -27.29
CA GLN C 53 10.97 8.11 -27.70
C GLN C 53 12.07 8.53 -26.71
N PHE C 54 11.80 8.33 -25.43
CA PHE C 54 12.46 9.08 -24.37
C PHE C 54 13.80 8.51 -23.90
N GLN C 55 14.76 9.41 -23.63
CA GLN C 55 16.03 9.04 -23.00
C GLN C 55 15.92 9.00 -21.46
N PHE C 56 15.23 9.98 -20.87
CA PHE C 56 14.97 9.98 -19.44
C PHE C 56 13.49 10.17 -19.21
N LEU C 57 13.01 9.67 -18.07
CA LEU C 57 11.59 9.73 -17.71
C LEU C 57 11.47 9.47 -16.21
N PHE C 58 11.07 10.49 -15.46
CA PHE C 58 11.23 10.45 -14.01
C PHE C 58 10.31 11.45 -13.30
N PHE C 59 10.13 11.29 -12.00
CA PHE C 59 9.19 12.12 -11.27
C PHE C 59 9.73 13.28 -10.44
N ASP C 60 8.92 14.33 -10.33
CA ASP C 60 9.06 15.40 -9.36
C ASP C 60 8.72 14.84 -7.99
N PRO C 61 9.39 15.29 -6.94
CA PRO C 61 8.85 15.00 -5.59
C PRO C 61 7.38 15.41 -5.45
N ASN C 62 6.93 16.31 -6.33
CA ASN C 62 5.54 16.76 -6.33
C ASN C 62 4.62 15.94 -7.23
N GLY C 63 5.18 14.97 -7.95
CA GLY C 63 4.37 14.08 -8.78
C GLY C 63 4.16 14.58 -10.20
N TYR C 64 4.96 15.56 -10.61
CA TYR C 64 5.04 15.94 -12.02
C TYR C 64 6.04 15.03 -12.70
N LEU C 65 5.74 14.65 -13.93
CA LEU C 65 6.58 13.76 -14.71
C LEU C 65 7.43 14.56 -15.68
N TYR C 66 8.72 14.18 -15.76
CA TYR C 66 9.66 14.74 -16.74
C TYR C 66 10.02 13.69 -17.78
N ALA C 67 10.34 14.14 -18.99
CA ALA C 67 10.80 13.28 -20.09
C ALA C 67 11.71 14.05 -21.04
N VAL C 68 12.66 13.35 -21.65
CA VAL C 68 13.62 13.95 -22.57
C VAL C 68 13.48 13.20 -23.90
N SER C 69 13.32 13.96 -24.97
CA SER C 69 13.25 13.41 -26.31
C SER C 69 13.89 14.40 -27.26
N LYS C 70 14.82 13.93 -28.10
CA LYS C 70 15.37 14.77 -29.17
C LYS C 70 16.00 16.07 -28.64
N ASP C 71 16.69 16.01 -27.50
CA ASP C 71 17.28 17.22 -26.89
C ASP C 71 16.31 18.27 -26.33
N LYS C 72 15.06 17.90 -26.05
CA LYS C 72 14.21 18.82 -25.33
C LYS C 72 13.52 18.22 -24.13
N LEU C 73 13.46 18.98 -23.05
CA LEU C 73 12.90 18.51 -21.81
C LEU C 73 11.42 18.89 -21.70
N TYR C 74 10.59 17.94 -21.26
CA TYR C 74 9.12 18.12 -21.17
C TYR C 74 8.61 17.90 -19.76
N LYS C 75 7.60 18.67 -19.34
CA LYS C 75 7.04 18.51 -18.00
C LYS C 75 5.52 18.64 -17.99
N ALA C 76 4.84 17.72 -17.27
CA ALA C 76 3.37 17.75 -17.07
C ALA C 76 2.97 16.72 -16.03
N PRO C 77 1.77 16.85 -15.43
CA PRO C 77 1.28 15.68 -14.66
C PRO C 77 1.16 14.42 -15.53
N PRO C 78 1.33 13.24 -14.91
CA PRO C 78 1.34 11.99 -15.67
C PRO C 78 -0.06 11.64 -16.19
N PRO C 79 -0.16 10.86 -17.29
CA PRO C 79 -1.52 10.49 -17.76
C PRO C 79 -2.23 9.62 -16.72
N GLN C 80 -3.52 9.84 -16.49
CA GLN C 80 -4.25 8.96 -15.58
C GLN C 80 -4.90 7.76 -16.29
N SER C 81 -4.99 7.84 -17.61
CA SER C 81 -5.50 6.73 -18.41
C SER C 81 -4.93 6.87 -19.82
N ASP C 82 -4.86 5.76 -20.56
CA ASP C 82 -4.24 5.71 -21.89
C ASP C 82 -4.93 6.55 -22.97
N THR C 83 -6.11 7.06 -22.63
CA THR C 83 -6.79 7.97 -23.55
C THR C 83 -6.22 9.39 -23.45
N ASP C 84 -5.85 9.79 -22.23
CA ASP C 84 -5.06 11.00 -21.91
C ASP C 84 -3.73 11.15 -22.69
N ASN C 85 -3.71 12.07 -23.65
CA ASN C 85 -2.48 12.31 -24.43
C ASN C 85 -1.47 13.22 -23.74
N TRP C 86 -0.33 12.65 -23.32
CA TRP C 86 0.65 13.35 -22.46
C TRP C 86 1.53 14.43 -23.14
N ILE C 87 2.40 14.04 -24.09
CA ILE C 87 3.29 15.03 -24.75
C ILE C 87 2.52 16.26 -25.20
N ALA C 88 1.29 16.03 -25.65
CA ALA C 88 0.42 17.08 -26.14
C ALA C 88 0.15 18.20 -25.13
N ARG C 89 0.05 17.85 -23.85
CA ARG C 89 -0.08 18.86 -22.81
C ARG C 89 1.22 19.12 -22.02
N ALA C 90 2.29 18.37 -22.34
CA ALA C 90 3.61 18.60 -21.73
C ALA C 90 4.30 19.86 -22.28
N THR C 91 4.73 20.72 -21.36
CA THR C 91 5.37 21.95 -21.77
C THR C 91 6.89 21.75 -21.83
N GLU C 92 7.53 22.35 -22.81
CA GLU C 92 8.98 22.20 -22.90
C GLU C 92 9.75 23.32 -22.23
N ILE C 93 10.72 22.91 -21.42
CA ILE C 93 11.56 23.78 -20.62
C ILE C 93 13.03 23.54 -21.02
N GLY C 94 13.90 24.53 -20.84
CA GLY C 94 15.28 24.46 -21.39
C GLY C 94 15.41 25.08 -22.79
N SER C 95 16.13 26.21 -22.87
CA SER C 95 16.39 26.93 -24.12
C SER C 95 17.84 26.80 -24.57
N GLY D 3 21.23 19.41 -26.84
CA GLY D 3 21.27 19.70 -25.38
C GLY D 3 21.00 18.45 -24.55
N TRP D 4 19.84 18.42 -23.92
CA TRP D 4 19.47 17.38 -22.96
C TRP D 4 19.86 15.94 -23.28
N SER D 5 19.73 15.52 -24.55
CA SER D 5 20.06 14.14 -24.96
C SER D 5 21.56 13.77 -24.83
N ASN D 6 22.44 14.75 -24.59
CA ASN D 6 23.86 14.46 -24.36
C ASN D 6 24.21 14.04 -22.93
N PHE D 7 23.28 14.24 -21.99
CA PHE D 7 23.50 13.84 -20.63
C PHE D 7 23.45 12.34 -20.51
N LYS D 8 24.23 11.79 -19.56
CA LYS D 8 24.22 10.38 -19.25
C LYS D 8 23.25 10.13 -18.09
N PHE D 9 23.28 11.04 -17.13
CA PHE D 9 22.39 10.98 -15.99
C PHE D 9 21.71 12.30 -15.86
N LEU D 10 20.44 12.24 -15.49
CA LEU D 10 19.63 13.40 -15.30
C LEU D 10 18.47 13.00 -14.39
N PHE D 11 18.54 13.43 -13.13
CA PHE D 11 17.68 12.95 -12.08
C PHE D 11 17.44 14.05 -11.04
N LEU D 12 16.41 13.86 -10.21
CA LEU D 12 16.02 14.86 -9.21
C LEU D 12 16.33 14.44 -7.79
N SER D 13 16.94 15.32 -7.00
CA SER D 13 17.13 15.05 -5.55
C SER D 13 15.77 15.10 -4.82
N PRO D 14 15.64 14.44 -3.64
CA PRO D 14 14.38 14.53 -2.84
C PRO D 14 13.99 15.95 -2.49
N GLY D 15 14.95 16.88 -2.54
CA GLY D 15 14.73 18.28 -2.19
C GLY D 15 14.23 19.13 -3.35
N GLY D 16 14.37 18.61 -4.58
CA GLY D 16 13.84 19.30 -5.76
C GLY D 16 14.88 19.74 -6.77
N GLU D 17 16.17 19.65 -6.42
CA GLU D 17 17.27 20.01 -7.35
C GLU D 17 17.54 18.98 -8.46
N LEU D 18 17.71 19.50 -9.66
CA LEU D 18 18.05 18.70 -10.82
C LEU D 18 19.56 18.50 -10.85
N TYR D 19 19.95 17.26 -11.13
CA TYR D 19 21.35 16.87 -11.24
C TYR D 19 21.55 16.25 -12.63
N GLY D 20 22.67 16.59 -13.26
CA GLY D 20 22.97 16.03 -14.58
C GLY D 20 24.45 15.75 -14.76
N VAL D 21 24.76 14.61 -15.37
CA VAL D 21 26.14 14.30 -15.78
C VAL D 21 26.30 14.61 -17.28
N LEU D 22 27.16 15.57 -17.58
CA LEU D 22 27.51 15.90 -18.95
C LEU D 22 29.01 15.83 -19.11
N ASN D 23 29.45 14.94 -19.99
CA ASN D 23 30.85 14.86 -20.39
C ASN D 23 31.87 14.81 -19.25
N ASP D 24 31.78 13.71 -18.50
CA ASP D 24 32.62 13.41 -17.34
C ASP D 24 32.43 14.39 -16.14
N LYS D 25 31.69 15.47 -16.38
CA LYS D 25 31.40 16.48 -15.36
C LYS D 25 29.99 16.33 -14.78
N ILE D 26 29.78 16.85 -13.57
CA ILE D 26 28.45 16.84 -12.97
C ILE D 26 28.04 18.24 -12.53
N TYR D 27 26.73 18.52 -12.59
CA TYR D 27 26.16 19.85 -12.36
C TYR D 27 24.84 19.78 -11.60
N LYS D 28 24.50 20.85 -10.88
CA LYS D 28 23.18 20.95 -10.21
C LYS D 28 22.59 22.36 -10.23
N GLY D 29 21.29 22.44 -9.92
CA GLY D 29 20.58 23.69 -9.94
C GLY D 29 19.10 23.42 -10.02
N THR D 30 18.30 24.39 -9.58
CA THR D 30 16.84 24.27 -9.57
C THR D 30 16.32 23.99 -10.99
N PRO D 31 15.27 23.16 -11.10
CA PRO D 31 14.81 22.70 -12.42
C PRO D 31 14.48 23.87 -13.33
N PRO D 32 14.60 23.69 -14.66
CA PRO D 32 14.27 24.79 -15.56
C PRO D 32 12.87 25.30 -15.30
N THR D 33 12.74 26.62 -15.16
CA THR D 33 11.48 27.26 -14.75
C THR D 33 10.59 27.61 -15.93
N HIS D 34 11.18 27.66 -17.12
CA HIS D 34 10.47 28.04 -18.34
C HIS D 34 11.26 27.61 -19.60
N ASP D 35 10.64 27.83 -20.77
CA ASP D 35 11.13 27.36 -22.10
C ASP D 35 12.38 28.10 -22.58
N ASN D 36 12.64 29.22 -21.92
CA ASN D 36 13.63 30.21 -22.26
C ASN D 36 14.91 29.96 -21.47
N ASP D 37 14.73 29.36 -20.29
CA ASP D 37 15.77 29.10 -19.31
C ASP D 37 16.87 28.19 -19.83
N ASN D 38 18.10 28.68 -19.69
CA ASN D 38 19.29 27.92 -20.03
C ASN D 38 19.83 27.27 -18.76
N TRP D 39 19.41 26.03 -18.52
CA TRP D 39 19.71 25.37 -17.26
C TRP D 39 21.20 25.21 -16.98
N LEU D 40 21.97 24.81 -17.99
CA LEU D 40 23.42 24.61 -17.83
C LEU D 40 24.12 25.92 -17.53
N GLY D 41 23.71 26.99 -18.22
CA GLY D 41 24.25 28.32 -18.01
C GLY D 41 24.36 28.77 -16.55
N ARG D 42 23.30 28.54 -15.77
CA ARG D 42 23.31 28.95 -14.37
C ARG D 42 23.66 27.82 -13.41
N ALA D 43 23.66 26.59 -13.93
CA ALA D 43 23.92 25.40 -13.09
C ALA D 43 25.29 25.46 -12.41
N LYS D 44 25.34 25.01 -11.17
CA LYS D 44 26.55 25.02 -10.40
C LYS D 44 27.31 23.72 -10.66
N LYS D 45 28.50 23.83 -11.25
CA LYS D 45 29.39 22.68 -11.40
C LYS D 45 29.81 22.14 -10.03
N ILE D 46 29.58 20.84 -9.82
CA ILE D 46 29.83 20.21 -8.53
C ILE D 46 30.78 19.00 -8.62
N GLY D 47 31.34 18.80 -9.80
CA GLY D 47 32.37 17.79 -10.03
C GLY D 47 32.97 18.08 -11.38
N ASP D 48 34.29 17.97 -11.49
CA ASP D 48 34.99 18.34 -12.73
C ASP D 48 35.68 17.16 -13.43
N GLY D 49 35.57 15.97 -12.84
CA GLY D 49 36.10 14.78 -13.48
C GLY D 49 35.67 13.46 -12.89
N GLY D 50 35.63 12.43 -13.73
CA GLY D 50 35.38 11.05 -13.27
C GLY D 50 33.93 10.63 -13.09
N TRP D 51 32.99 11.32 -13.75
CA TRP D 51 31.57 10.94 -13.64
C TRP D 51 31.00 10.07 -14.80
N ASN D 52 31.68 10.04 -15.94
CA ASN D 52 31.36 9.04 -16.99
C ASN D 52 31.50 7.58 -16.54
N GLN D 53 32.29 7.30 -15.50
CA GLN D 53 32.51 5.91 -15.07
C GLN D 53 31.23 5.17 -14.56
N PHE D 54 30.21 5.88 -14.11
CA PHE D 54 29.10 5.22 -13.44
C PHE D 54 28.03 4.59 -14.37
N GLN D 55 27.41 3.48 -13.95
CA GLN D 55 26.29 2.91 -14.72
C GLN D 55 24.94 3.28 -14.13
N PHE D 56 24.97 3.67 -12.86
CA PHE D 56 23.79 4.09 -12.13
C PHE D 56 24.20 5.24 -11.24
N LEU D 57 23.33 6.20 -11.07
CA LEU D 57 23.62 7.32 -10.22
C LEU D 57 22.34 7.87 -9.69
N PHE D 58 22.05 7.61 -8.41
CA PHE D 58 20.73 7.94 -7.88
C PHE D 58 20.72 8.32 -6.38
N PHE D 59 19.66 9.03 -6.00
CA PHE D 59 19.40 9.43 -4.62
C PHE D 59 18.46 8.47 -3.87
N ASP D 60 18.62 8.36 -2.55
CA ASP D 60 17.50 7.88 -1.73
C ASP D 60 16.69 9.05 -1.15
N PRO D 61 15.54 8.75 -0.48
CA PRO D 61 14.72 9.73 0.24
C PRO D 61 15.48 10.69 1.17
N ASN D 62 16.51 10.21 1.87
CA ASN D 62 17.33 11.06 2.79
C ASN D 62 18.46 11.89 2.17
N GLY D 63 18.49 11.95 0.84
CA GLY D 63 19.50 12.72 0.11
C GLY D 63 20.86 12.06 -0.04
N TYR D 64 20.97 10.78 0.29
CA TYR D 64 22.20 10.08 0.05
C TYR D 64 22.30 9.76 -1.43
N LEU D 65 23.51 9.82 -1.96
CA LEU D 65 23.76 9.58 -3.36
C LEU D 65 24.51 8.28 -3.54
N TYR D 66 24.00 7.44 -4.43
CA TYR D 66 24.63 6.17 -4.70
C TYR D 66 25.23 6.16 -6.10
N ALA D 67 26.34 5.45 -6.26
CA ALA D 67 26.98 5.33 -7.57
C ALA D 67 27.49 3.93 -7.80
N VAL D 68 27.26 3.39 -8.99
CA VAL D 68 27.76 2.06 -9.33
C VAL D 68 28.86 2.19 -10.34
N SER D 69 29.95 1.49 -10.08
CA SER D 69 31.14 1.55 -10.91
C SER D 69 31.80 0.20 -10.74
N LYS D 70 32.08 -0.49 -11.85
CA LYS D 70 32.74 -1.80 -11.80
C LYS D 70 32.45 -2.61 -10.53
N ASP D 71 31.19 -3.04 -10.37
CA ASP D 71 30.77 -3.97 -9.28
C ASP D 71 30.92 -3.46 -7.85
N LYS D 72 31.37 -2.22 -7.69
CA LYS D 72 31.35 -1.55 -6.39
C LYS D 72 30.22 -0.52 -6.34
N LEU D 73 29.50 -0.50 -5.22
CA LEU D 73 28.48 0.51 -4.98
C LEU D 73 29.00 1.56 -3.98
N TYR D 74 28.78 2.84 -4.27
CA TYR D 74 29.28 3.95 -3.46
C TYR D 74 28.14 4.78 -2.91
N LYS D 75 28.20 5.06 -1.61
CA LYS D 75 27.16 5.84 -0.92
C LYS D 75 27.83 7.02 -0.22
N ALA D 76 27.15 8.17 -0.17
CA ALA D 76 27.64 9.38 0.49
C ALA D 76 26.72 10.56 0.15
N PRO D 77 26.67 11.59 1.02
CA PRO D 77 25.92 12.79 0.61
C PRO D 77 26.55 13.36 -0.66
N PRO D 78 25.75 14.08 -1.45
CA PRO D 78 26.22 14.36 -2.82
C PRO D 78 27.42 15.32 -2.82
N PRO D 79 28.19 15.37 -3.93
CA PRO D 79 29.31 16.33 -3.97
C PRO D 79 28.74 17.74 -3.95
N GLN D 80 29.55 18.71 -3.54
CA GLN D 80 29.09 20.07 -3.33
C GLN D 80 29.80 21.10 -4.22
N SER D 81 30.93 20.70 -4.82
CA SER D 81 31.75 21.59 -5.65
C SER D 81 32.90 20.86 -6.33
N ASP D 82 33.50 21.59 -7.29
CA ASP D 82 34.75 21.28 -8.00
C ASP D 82 35.80 20.54 -7.21
N THR D 83 35.84 20.79 -5.90
CA THR D 83 37.01 20.45 -5.08
C THR D 83 36.65 19.42 -4.00
N ASP D 84 35.38 19.01 -4.05
CA ASP D 84 34.85 17.89 -3.27
C ASP D 84 35.19 16.58 -3.97
N ASN D 85 36.20 15.89 -3.46
CA ASN D 85 36.45 14.56 -3.95
C ASN D 85 35.43 13.59 -3.38
N TRP D 86 34.28 13.47 -4.06
CA TRP D 86 33.20 12.54 -3.68
C TRP D 86 33.61 11.07 -3.61
N ILE D 87 34.24 10.57 -4.67
CA ILE D 87 34.56 9.14 -4.72
C ILE D 87 35.31 8.67 -3.45
N ALA D 88 36.29 9.46 -3.00
CA ALA D 88 37.15 9.08 -1.84
C ALA D 88 36.47 9.16 -0.45
N ARG D 89 35.48 10.03 -0.28
CA ARG D 89 34.74 10.07 1.01
C ARG D 89 33.47 9.22 1.02
N ALA D 90 33.16 8.59 -0.12
CA ALA D 90 32.04 7.68 -0.22
C ALA D 90 32.33 6.35 0.48
N THR D 91 31.32 5.75 1.09
CA THR D 91 31.46 4.40 1.66
C THR D 91 31.44 3.37 0.54
N GLU D 92 32.43 2.48 0.55
CA GLU D 92 32.66 1.60 -0.58
C GLU D 92 31.95 0.22 -0.50
N ILE D 93 30.61 0.19 -0.54
CA ILE D 93 29.89 -1.09 -0.52
C ILE D 93 30.04 -1.86 -1.84
CA GLY E 3 27.57 -7.67 -8.69
C GLY E 3 26.77 -6.49 -9.24
N TRP E 4 27.16 -5.29 -8.87
CA TRP E 4 26.31 -4.11 -9.10
C TRP E 4 26.17 -3.71 -10.56
N SER E 5 27.26 -3.79 -11.32
CA SER E 5 27.21 -3.40 -12.74
C SER E 5 26.40 -4.37 -13.64
N ASN E 6 25.92 -5.50 -13.09
CA ASN E 6 25.12 -6.45 -13.88
C ASN E 6 23.63 -6.26 -13.84
N PHE E 7 23.19 -5.32 -13.03
CA PHE E 7 21.77 -5.01 -12.90
C PHE E 7 21.33 -4.12 -14.03
N LYS E 8 20.14 -4.40 -14.52
CA LYS E 8 19.50 -3.50 -15.47
C LYS E 8 18.98 -2.26 -14.76
N PHE E 9 18.42 -2.43 -13.56
CA PHE E 9 17.81 -1.32 -12.83
C PHE E 9 18.17 -1.31 -11.35
N LEU E 10 18.30 -0.10 -10.80
CA LEU E 10 18.73 0.03 -9.41
C LEU E 10 18.20 1.34 -8.86
N PHE E 11 17.12 1.25 -8.08
CA PHE E 11 16.41 2.44 -7.63
C PHE E 11 15.75 2.25 -6.26
N LEU E 12 15.35 3.35 -5.66
CA LEU E 12 14.76 3.34 -4.33
C LEU E 12 13.31 3.80 -4.37
N SER E 13 12.50 3.15 -3.53
CA SER E 13 11.09 3.55 -3.38
C SER E 13 11.05 4.75 -2.44
N PRO E 14 9.99 5.60 -2.55
CA PRO E 14 9.75 6.63 -1.54
C PRO E 14 9.84 6.14 -0.09
N GLY E 15 9.61 4.85 0.13
CA GLY E 15 9.76 4.23 1.45
C GLY E 15 11.15 3.72 1.82
N GLY E 16 12.15 4.01 0.97
CA GLY E 16 13.55 3.73 1.32
C GLY E 16 14.07 2.35 1.00
N GLU E 17 13.25 1.51 0.37
CA GLU E 17 13.71 0.18 -0.05
C GLU E 17 14.38 0.22 -1.43
N LEU E 18 15.46 -0.56 -1.55
CA LEU E 18 16.22 -0.62 -2.79
C LEU E 18 15.69 -1.73 -3.70
N TYR E 19 15.47 -1.38 -4.95
CA TYR E 19 14.91 -2.31 -5.90
C TYR E 19 15.95 -2.62 -6.94
N GLY E 20 16.15 -3.90 -7.22
CA GLY E 20 17.14 -4.28 -8.20
C GLY E 20 16.60 -5.25 -9.21
N VAL E 21 16.79 -4.96 -10.50
CA VAL E 21 16.43 -5.87 -11.57
C VAL E 21 17.69 -6.52 -12.17
N LEU E 22 17.72 -7.85 -12.17
CA LEU E 22 18.90 -8.61 -12.58
C LEU E 22 18.46 -9.85 -13.32
N ASN E 23 18.98 -10.02 -14.54
CA ASN E 23 18.57 -11.10 -15.44
C ASN E 23 17.09 -11.45 -15.31
N ASP E 24 16.22 -10.50 -15.65
CA ASP E 24 14.76 -10.73 -15.73
C ASP E 24 14.04 -10.97 -14.40
N LYS E 25 14.73 -10.72 -13.31
CA LYS E 25 14.16 -10.92 -11.99
C LYS E 25 14.30 -9.63 -11.22
N ILE E 26 13.33 -9.31 -10.37
CA ILE E 26 13.44 -8.11 -9.54
C ILE E 26 13.52 -8.47 -8.07
N TYR E 27 14.49 -7.89 -7.37
CA TYR E 27 14.58 -8.06 -5.93
C TYR E 27 14.49 -6.72 -5.19
N LYS E 28 13.91 -6.75 -4.00
CA LYS E 28 13.90 -5.63 -3.06
C LYS E 28 14.50 -6.02 -1.71
N GLY E 29 14.73 -4.99 -0.89
CA GLY E 29 15.41 -5.15 0.39
C GLY E 29 16.21 -3.92 0.75
N THR E 30 16.17 -3.59 2.04
CA THR E 30 17.02 -2.59 2.73
C THR E 30 18.35 -2.29 2.06
N PRO E 31 18.63 -0.99 1.77
CA PRO E 31 19.90 -0.52 1.23
C PRO E 31 21.09 -1.03 2.03
N PRO E 32 22.14 -1.48 1.33
CA PRO E 32 23.34 -1.99 2.02
C PRO E 32 24.02 -0.94 2.89
N THR E 33 24.88 -1.40 3.81
CA THR E 33 25.68 -0.50 4.66
C THR E 33 26.98 -1.16 5.22
N HIS E 34 27.97 -1.33 4.33
CA HIS E 34 29.08 -2.26 4.57
C HIS E 34 30.26 -2.06 3.61
N ASP E 37 29.20 -7.78 2.95
CA ASP E 37 27.74 -7.72 2.74
C ASP E 37 27.37 -8.35 1.41
N ASN E 38 26.21 -9.01 1.39
CA ASN E 38 25.77 -9.80 0.25
C ASN E 38 24.32 -9.47 -0.09
N TRP E 39 24.06 -8.23 -0.50
CA TRP E 39 22.69 -7.72 -0.74
C TRP E 39 21.78 -8.66 -1.57
N LEU E 40 22.32 -9.18 -2.67
CA LEU E 40 21.59 -10.13 -3.54
C LEU E 40 21.16 -11.41 -2.81
N GLY E 41 22.13 -12.21 -2.35
CA GLY E 41 21.86 -13.43 -1.57
C GLY E 41 20.84 -13.30 -0.44
N ARG E 42 20.71 -12.11 0.14
CA ARG E 42 19.79 -11.88 1.26
C ARG E 42 18.61 -10.97 0.92
N ALA E 43 18.29 -10.83 -0.35
CA ALA E 43 17.17 -9.98 -0.75
C ALA E 43 15.90 -10.81 -0.95
N LYS E 44 14.74 -10.17 -0.91
CA LYS E 44 13.51 -10.83 -1.32
C LYS E 44 13.30 -10.69 -2.83
N LYS E 45 13.31 -11.82 -3.53
CA LYS E 45 12.93 -11.88 -4.96
C LYS E 45 11.43 -11.73 -5.10
N ILE E 46 11.01 -10.61 -5.68
CA ILE E 46 9.58 -10.25 -5.72
C ILE E 46 8.93 -10.41 -7.09
N GLY E 47 9.70 -10.95 -8.04
CA GLY E 47 9.24 -11.18 -9.40
C GLY E 47 10.27 -11.95 -10.23
N ASP E 48 9.77 -12.76 -11.16
CA ASP E 48 10.61 -13.61 -11.98
C ASP E 48 10.11 -13.72 -13.44
N GLY E 49 10.92 -13.24 -14.40
CA GLY E 49 10.62 -13.39 -15.81
C GLY E 49 10.23 -12.07 -16.43
N GLY E 50 10.82 -11.74 -17.57
CA GLY E 50 10.46 -10.52 -18.28
C GLY E 50 10.83 -9.17 -17.66
N TRP E 51 11.46 -9.15 -16.49
CA TRP E 51 11.76 -7.85 -15.83
C TRP E 51 12.74 -6.96 -16.57
N ASN E 52 13.62 -7.57 -17.34
CA ASN E 52 14.51 -6.87 -18.25
C ASN E 52 13.82 -6.27 -19.50
N GLN E 53 12.53 -6.54 -19.70
CA GLN E 53 11.85 -6.06 -20.91
C GLN E 53 11.62 -4.54 -20.84
N PHE E 54 11.63 -3.97 -19.64
CA PHE E 54 11.35 -2.53 -19.50
C PHE E 54 12.53 -1.64 -19.93
N GLN E 55 12.17 -0.47 -20.44
CA GLN E 55 13.12 0.56 -20.82
C GLN E 55 13.24 1.57 -19.66
N PHE E 56 12.18 1.68 -18.88
CA PHE E 56 12.13 2.57 -17.72
C PHE E 56 11.32 1.87 -16.65
N LEU E 57 11.73 2.04 -15.39
CA LEU E 57 11.03 1.42 -14.26
C LEU E 57 11.31 2.22 -13.02
N PHE E 58 10.31 2.92 -12.52
CA PHE E 58 10.59 4.00 -11.57
C PHE E 58 9.33 4.33 -10.80
N PHE E 59 9.48 4.97 -9.64
CA PHE E 59 8.34 5.31 -8.79
C PHE E 59 7.83 6.71 -8.95
N ASP E 60 6.56 6.89 -8.60
CA ASP E 60 6.08 8.23 -8.35
C ASP E 60 6.18 8.47 -6.82
N PRO E 61 6.00 9.74 -6.35
CA PRO E 61 6.13 9.97 -4.89
C PRO E 61 5.17 9.12 -4.04
N ASN E 62 4.00 8.82 -4.59
CA ASN E 62 2.94 8.16 -3.87
C ASN E 62 3.04 6.67 -3.86
N GLY E 63 4.19 6.15 -4.29
CA GLY E 63 4.43 4.73 -4.26
C GLY E 63 3.77 3.93 -5.38
N TYR E 64 3.43 4.57 -6.49
CA TYR E 64 3.09 3.83 -7.71
C TYR E 64 4.33 3.56 -8.55
N LEU E 65 4.48 2.30 -8.98
CA LEU E 65 5.59 1.93 -9.87
C LEU E 65 5.16 2.09 -11.32
N TYR E 66 5.94 2.87 -12.07
CA TYR E 66 5.71 3.10 -13.48
C TYR E 66 6.64 2.26 -14.33
N ALA E 67 6.17 1.84 -15.51
CA ALA E 67 7.02 1.03 -16.38
C ALA E 67 6.78 1.32 -17.85
N VAL E 68 7.85 1.43 -18.62
CA VAL E 68 7.76 1.52 -20.07
C VAL E 68 8.15 0.19 -20.71
N SER E 69 7.24 -0.33 -21.53
CA SER E 69 7.46 -1.57 -22.27
C SER E 69 6.82 -1.50 -23.65
N LYS E 70 7.58 -1.84 -24.68
CA LYS E 70 7.09 -1.83 -26.08
C LYS E 70 6.37 -0.52 -26.50
N ASP E 71 6.92 0.63 -26.09
CA ASP E 71 6.34 1.93 -26.47
C ASP E 71 5.04 2.27 -25.71
N LYS E 72 4.66 1.46 -24.75
CA LYS E 72 3.52 1.77 -23.92
C LYS E 72 3.92 2.04 -22.47
N LEU E 73 3.05 2.70 -21.70
CA LEU E 73 3.33 3.07 -20.32
C LEU E 73 2.35 2.48 -19.34
N TYR E 74 2.91 1.97 -18.24
CA TYR E 74 2.19 1.18 -17.28
C TYR E 74 2.38 1.71 -15.87
N LYS E 75 1.39 1.49 -15.01
CA LYS E 75 1.37 2.01 -13.65
C LYS E 75 0.63 1.05 -12.76
N ALA E 76 1.26 0.61 -11.66
CA ALA E 76 0.60 -0.23 -10.65
C ALA E 76 1.35 -0.17 -9.29
N PRO E 77 0.70 -0.58 -8.20
CA PRO E 77 1.48 -0.90 -7.00
C PRO E 77 2.69 -1.77 -7.36
N PRO E 78 3.83 -1.63 -6.65
CA PRO E 78 4.96 -2.50 -7.00
C PRO E 78 4.58 -3.94 -6.75
N PRO E 79 5.30 -4.92 -7.32
CA PRO E 79 4.89 -6.26 -6.95
C PRO E 79 5.21 -6.47 -5.48
N GLN E 80 4.37 -7.24 -4.78
CA GLN E 80 4.52 -7.52 -3.35
C GLN E 80 4.63 -6.30 -2.43
N SER E 81 3.76 -5.31 -2.67
CA SER E 81 3.43 -4.23 -1.73
C SER E 81 3.52 -4.62 -0.28
N ASP E 82 3.92 -3.66 0.56
CA ASP E 82 3.76 -3.80 2.00
C ASP E 82 2.76 -2.77 2.49
N THR E 83 2.67 -2.64 3.81
CA THR E 83 1.61 -1.86 4.45
C THR E 83 1.82 -0.37 4.25
N ASP E 84 3.06 0.07 4.48
CA ASP E 84 3.48 1.45 4.25
C ASP E 84 3.22 1.90 2.83
N ASN E 85 3.52 1.06 1.85
CA ASN E 85 3.19 1.42 0.47
C ASN E 85 1.66 1.44 0.22
N TRP E 86 0.94 0.53 0.88
CA TRP E 86 -0.53 0.64 0.89
C TRP E 86 -1.00 2.00 1.45
N ILE E 87 -0.61 2.33 2.68
CA ILE E 87 -1.02 3.59 3.32
C ILE E 87 -0.71 4.81 2.43
N ALA E 88 0.43 4.79 1.75
CA ALA E 88 0.85 5.89 0.88
C ALA E 88 -0.03 6.04 -0.36
N ARG E 89 -0.46 4.93 -0.95
CA ARG E 89 -1.40 4.94 -2.11
C ARG E 89 -2.83 5.23 -1.65
N ALA E 90 -3.05 5.19 -0.33
CA ALA E 90 -4.39 5.32 0.26
C ALA E 90 -4.87 6.77 0.44
N THR E 91 -6.17 6.99 0.35
CA THR E 91 -6.68 8.31 0.64
C THR E 91 -6.93 8.42 2.15
N GLU E 92 -6.22 9.36 2.79
CA GLU E 92 -6.33 9.61 4.22
C GLU E 92 -7.53 10.48 4.48
N ILE E 93 -8.59 9.90 5.03
CA ILE E 93 -9.82 10.65 5.30
C ILE E 93 -10.00 10.95 6.78
N GLY E 94 -8.88 10.85 7.53
CA GLY E 94 -8.81 11.15 8.97
C GLY E 94 -9.32 12.53 9.42
#